data_2H4L
#
_entry.id   2H4L
#
_cell.length_a   70.717
_cell.length_b   74.095
_cell.length_c   84.347
_cell.angle_alpha   90.00
_cell.angle_beta   90.00
_cell.angle_gamma   90.00
#
_symmetry.space_group_name_H-M   'P 21 21 21'
#
loop_
_entity.id
_entity.type
_entity.pdbx_description
1 polymer Phosphomannomutase/phosphoglucomutase
2 non-polymer 1-O-phosphono-alpha-D-ribofuranose
3 non-polymer 'ZINC ION'
4 water water
#
_entity_poly.entity_id   1
_entity_poly.type   'polypeptide(L)'
_entity_poly.pdbx_seq_one_letter_code
;MSTVKAPTLPASIFRAYDIRGVVGDTLTAETAYWIGRAIGSESLARGEPCVAVGRDGRLSGPELVKQLIQGLVDCGCQVS
DVGMVPTPVLYYAANVLEGKSGVMLTG(SEP)HNPPDYNGFKIVVAGETLANEQIQALRERIEKNDLASGVGSVEQVDIL
PRYFKQIRDDIAMAKPMKVVVDCGNGVAGVIAPQLIEALGCSVIPLYCEVDGNFPNHHPDPGKPENLKDLIAKVKAENAD
LGLAFDGDGDRVGVVTNTGTIIYPDRLLMLFAKDVVSRNPGADIIFDVKCTRRLIALISGYGGRPVMWKTGHSLIKKKMK
ETGALLAGEMSGHVFFKERWFGFDDGIYSAARLLEILSQDQRDSEHVFSAFPSDISTPEINITVTEDSKFAIIEALQRDA
QWGEGNITTLDGVRVDYPKGWGLVRASNTTPVLVLRFEADTEEELERIKTVFRNQLKAVDSSLPVPF
;
_entity_poly.pdbx_strand_id   X
#
loop_
_chem_comp.id
_chem_comp.type
_chem_comp.name
_chem_comp.formula
R1P D-saccharide, alpha linking 1-O-phosphono-alpha-D-ribofuranose 'C5 H11 O8 P'
ZN non-polymer 'ZINC ION' 'Zn 2'
#
# COMPACT_ATOMS: atom_id res chain seq x y z
N LEU A 9 13.43 2.69 -23.32
CA LEU A 9 13.21 2.36 -21.89
C LEU A 9 13.17 0.85 -21.68
N PRO A 10 13.85 0.34 -20.63
CA PRO A 10 13.75 -1.09 -20.29
C PRO A 10 12.32 -1.48 -19.92
N ALA A 11 11.90 -2.67 -20.36
CA ALA A 11 10.51 -3.11 -20.18
C ALA A 11 10.19 -3.63 -18.79
N SER A 12 11.24 -3.87 -17.99
CA SER A 12 11.13 -4.44 -16.64
C SER A 12 10.64 -3.41 -15.60
N ILE A 13 10.88 -2.13 -15.86
CA ILE A 13 10.36 -1.07 -14.97
C ILE A 13 8.82 -0.94 -15.01
N PHE A 14 8.21 -1.49 -16.06
CA PHE A 14 6.75 -1.41 -16.22
C PHE A 14 6.06 -2.58 -15.53
N ARG A 15 5.64 -2.34 -14.29
CA ARG A 15 5.16 -3.38 -13.40
C ARG A 15 3.64 -3.40 -13.30
N ALA A 16 3.11 -4.47 -12.70
CA ALA A 16 1.66 -4.68 -12.56
C ALA A 16 0.90 -3.52 -11.91
N TYR A 17 1.45 -2.98 -10.83
CA TYR A 17 0.77 -1.94 -10.06
C TYR A 17 1.16 -0.52 -10.48
N ASP A 18 2.39 -0.37 -10.97
CA ASP A 18 2.99 0.94 -11.25
C ASP A 18 4.34 0.80 -11.96
N ILE A 19 5.08 1.91 -12.09
CA ILE A 19 6.42 1.91 -12.66
C ILE A 19 7.48 2.02 -11.55
N ARG A 20 8.46 1.12 -11.59
CA ARG A 20 9.48 1.02 -10.54
C ARG A 20 10.88 0.89 -11.14
N GLY A 21 11.72 1.89 -10.93
CA GLY A 21 13.07 1.84 -11.48
C GLY A 21 14.20 1.98 -10.48
N VAL A 22 15.43 1.86 -10.99
CA VAL A 22 16.63 2.21 -10.23
C VAL A 22 17.31 3.33 -10.98
N VAL A 23 17.39 4.51 -10.37
CA VAL A 23 17.94 5.70 -11.02
C VAL A 23 19.42 5.53 -11.35
N GLY A 24 19.77 5.78 -12.62
CA GLY A 24 21.12 5.57 -13.11
C GLY A 24 21.22 4.28 -13.89
N ASP A 25 20.68 3.21 -13.32
CA ASP A 25 20.52 1.93 -13.98
C ASP A 25 19.28 1.97 -14.89
N THR A 26 18.17 1.45 -14.40
CA THR A 26 16.97 1.26 -15.22
C THR A 26 16.06 2.50 -15.38
N LEU A 27 16.44 3.62 -14.77
CA LEU A 27 15.65 4.86 -14.86
C LEU A 27 16.57 6.09 -14.96
N THR A 28 16.32 6.92 -15.97
CA THR A 28 17.11 8.14 -16.22
C THR A 28 16.18 9.34 -16.31
N ALA A 29 16.76 10.55 -16.38
CA ALA A 29 15.96 11.77 -16.60
C ALA A 29 15.11 11.69 -17.87
N GLU A 30 15.75 11.31 -18.98
CA GLU A 30 15.09 11.14 -20.27
C GLU A 30 13.85 10.21 -20.26
N THR A 31 13.96 9.04 -19.62
CA THR A 31 12.82 8.11 -19.57
C THR A 31 11.66 8.68 -18.75
N ALA A 32 12.00 9.44 -17.70
CA ALA A 32 11.00 10.11 -16.89
C ALA A 32 10.24 11.17 -17.72
N TYR A 33 10.94 11.79 -18.68
CA TYR A 33 10.31 12.70 -19.63
C TYR A 33 9.31 11.94 -20.48
N TRP A 34 9.75 10.82 -21.05
CA TRP A 34 8.93 10.01 -21.96
C TRP A 34 7.75 9.34 -21.26
N ILE A 35 7.94 8.95 -20.00
CA ILE A 35 6.84 8.49 -19.15
C ILE A 35 5.83 9.62 -18.91
N GLY A 36 6.33 10.84 -18.71
CA GLY A 36 5.50 12.04 -18.64
C GLY A 36 4.70 12.28 -19.91
N ARG A 37 5.34 12.11 -21.07
CA ARG A 37 4.67 12.24 -22.37
C ARG A 37 3.55 11.23 -22.53
N ALA A 38 3.82 9.98 -22.13
CA ALA A 38 2.85 8.91 -22.26
C ALA A 38 1.63 9.10 -21.37
N ILE A 39 1.88 9.59 -20.14
CA ILE A 39 0.81 9.79 -19.17
C ILE A 39 -0.10 10.95 -19.57
N GLY A 40 0.48 12.01 -20.12
CA GLY A 40 -0.33 13.13 -20.63
C GLY A 40 -1.21 12.67 -21.77
N SER A 41 -0.65 11.86 -22.64
CA SER A 41 -1.37 11.36 -23.81
C SER A 41 -2.56 10.47 -23.40
N GLU A 42 -2.36 9.61 -22.40
CA GLU A 42 -3.46 8.81 -21.88
C GLU A 42 -4.52 9.69 -21.22
N SER A 43 -4.09 10.65 -20.42
CA SER A 43 -5.01 11.58 -19.78
C SER A 43 -5.88 12.32 -20.81
N LEU A 44 -5.24 12.84 -21.86
CA LEU A 44 -5.95 13.55 -22.94
C LEU A 44 -6.87 12.62 -23.73
N ALA A 45 -6.42 11.38 -23.97
CA ALA A 45 -7.26 10.37 -24.60
C ALA A 45 -8.52 10.05 -23.77
N ARG A 46 -8.46 10.24 -22.45
CA ARG A 46 -9.62 10.03 -21.57
C ARG A 46 -10.37 11.34 -21.24
N GLY A 47 -10.00 12.43 -21.90
CA GLY A 47 -10.67 13.73 -21.73
C GLY A 47 -10.20 14.58 -20.56
N GLU A 48 -9.03 14.26 -19.99
CA GLU A 48 -8.50 14.97 -18.81
C GLU A 48 -7.20 15.74 -19.10
N PRO A 49 -7.29 17.06 -19.35
CA PRO A 49 -6.03 17.78 -19.59
C PRO A 49 -5.28 18.19 -18.30
N CYS A 50 -5.90 18.02 -17.13
CA CYS A 50 -5.32 18.47 -15.88
C CYS A 50 -4.73 17.36 -15.04
N VAL A 51 -3.43 17.47 -14.74
CA VAL A 51 -2.71 16.44 -14.01
C VAL A 51 -1.98 17.07 -12.82
N ALA A 52 -2.14 16.47 -11.64
CA ALA A 52 -1.37 16.88 -10.48
C ALA A 52 -0.09 16.05 -10.47
N VAL A 53 1.00 16.66 -9.98
CA VAL A 53 2.29 15.97 -9.92
C VAL A 53 2.96 16.22 -8.58
N GLY A 54 3.31 15.12 -7.89
CA GLY A 54 4.01 15.20 -6.62
C GLY A 54 5.22 14.30 -6.63
N ARG A 55 6.13 14.53 -5.67
CA ARG A 55 7.36 13.74 -5.55
C ARG A 55 7.65 13.53 -4.07
N ASP A 56 8.34 12.44 -3.74
CA ASP A 56 8.71 12.18 -2.36
C ASP A 56 10.06 12.82 -2.02
N GLY A 57 10.64 12.49 -0.87
CA GLY A 57 11.90 13.10 -0.42
C GLY A 57 13.16 12.37 -0.85
N ARG A 58 13.11 11.69 -2.00
CA ARG A 58 14.29 11.03 -2.55
C ARG A 58 15.25 12.03 -3.18
N LEU A 59 16.51 11.62 -3.28
CA LEU A 59 17.59 12.46 -3.81
C LEU A 59 17.40 12.80 -5.29
N SER A 60 16.87 11.82 -6.04
CA SER A 60 16.62 11.99 -7.48
C SER A 60 15.27 12.69 -7.79
N GLY A 61 14.51 13.01 -6.76
CA GLY A 61 13.21 13.69 -6.88
C GLY A 61 13.19 14.98 -7.68
N PRO A 62 14.02 15.99 -7.28
CA PRO A 62 14.10 17.25 -8.01
C PRO A 62 14.53 17.11 -9.49
N GLU A 63 15.40 16.15 -9.79
CA GLU A 63 15.89 15.92 -11.16
C GLU A 63 14.80 15.34 -12.06
N LEU A 64 14.14 14.29 -11.58
CA LEU A 64 13.21 13.54 -12.42
C LEU A 64 11.85 14.21 -12.54
N VAL A 65 11.45 14.98 -11.53
CA VAL A 65 10.11 15.58 -11.53
C VAL A 65 9.98 16.72 -12.53
N LYS A 66 11.07 17.41 -12.84
CA LYS A 66 11.03 18.48 -13.85
C LYS A 66 10.89 17.85 -15.23
N GLN A 67 11.45 16.65 -15.39
CA GLN A 67 11.33 15.85 -16.61
C GLN A 67 9.92 15.33 -16.78
N LEU A 68 9.35 14.79 -15.70
CA LEU A 68 7.97 14.34 -15.67
C LEU A 68 7.00 15.48 -16.01
N ILE A 69 7.17 16.60 -15.32
CA ILE A 69 6.39 17.80 -15.60
C ILE A 69 6.52 18.21 -17.07
N GLN A 70 7.75 18.29 -17.58
CA GLN A 70 8.00 18.66 -18.98
C GLN A 70 7.33 17.73 -19.98
N GLY A 71 7.35 16.43 -19.71
CA GLY A 71 6.63 15.45 -20.56
C GLY A 71 5.15 15.73 -20.65
N LEU A 72 4.52 15.93 -19.50
CA LEU A 72 3.09 16.25 -19.42
C LEU A 72 2.79 17.57 -20.10
N VAL A 73 3.59 18.60 -19.80
CA VAL A 73 3.46 19.92 -20.45
C VAL A 73 3.52 19.82 -21.98
N ASP A 74 4.38 18.94 -22.47
CA ASP A 74 4.61 18.78 -23.91
C ASP A 74 3.46 18.06 -24.64
N CYS A 75 2.44 17.65 -23.88
CA CYS A 75 1.22 17.08 -24.45
C CYS A 75 0.13 18.15 -24.61
N GLY A 76 0.28 19.28 -23.91
CA GLY A 76 -0.76 20.30 -23.83
C GLY A 76 -1.50 20.25 -22.50
N CYS A 77 -1.00 19.41 -21.59
CA CYS A 77 -1.59 19.24 -20.27
C CYS A 77 -1.38 20.45 -19.35
N GLN A 78 -2.37 20.69 -18.48
CA GLN A 78 -2.30 21.71 -17.47
C GLN A 78 -1.87 21.06 -16.16
N VAL A 79 -0.61 21.28 -15.78
CA VAL A 79 0.01 20.56 -14.68
C VAL A 79 -0.11 21.37 -13.40
N SER A 80 -0.56 20.70 -12.34
CA SER A 80 -0.60 21.29 -11.00
C SER A 80 0.55 20.72 -10.19
N ASP A 81 1.55 21.54 -9.93
CA ASP A 81 2.76 21.09 -9.25
C ASP A 81 2.65 21.18 -7.73
N VAL A 82 2.41 20.05 -7.07
CA VAL A 82 2.27 20.06 -5.61
C VAL A 82 3.57 19.95 -4.81
N GLY A 83 4.70 19.80 -5.50
CA GLY A 83 5.99 19.77 -4.85
C GLY A 83 6.28 18.44 -4.16
N MET A 84 6.93 18.52 -3.00
CA MET A 84 7.28 17.31 -2.24
C MET A 84 6.16 16.98 -1.23
N VAL A 85 5.53 15.82 -1.46
CA VAL A 85 4.38 15.40 -0.66
C VAL A 85 4.38 13.88 -0.45
N PRO A 86 3.74 13.42 0.64
CA PRO A 86 3.44 11.99 0.74
C PRO A 86 2.61 11.53 -0.46
N THR A 87 2.74 10.26 -0.83
CA THR A 87 1.97 9.68 -1.92
C THR A 87 0.46 9.99 -1.79
N PRO A 88 -0.16 9.70 -0.62
CA PRO A 88 -1.60 9.95 -0.46
C PRO A 88 -2.03 11.40 -0.65
N VAL A 89 -1.12 12.34 -0.38
CA VAL A 89 -1.39 13.76 -0.62
C VAL A 89 -1.49 14.05 -2.13
N LEU A 90 -0.69 13.37 -2.94
CA LEU A 90 -0.86 13.44 -4.39
C LEU A 90 -2.26 12.92 -4.79
N TYR A 91 -2.63 11.73 -4.29
CA TYR A 91 -3.95 11.14 -4.55
C TYR A 91 -5.08 12.09 -4.11
N TYR A 92 -4.90 12.69 -2.94
CA TYR A 92 -5.81 13.75 -2.47
C TYR A 92 -5.95 14.91 -3.49
N ALA A 93 -4.81 15.44 -3.96
CA ALA A 93 -4.81 16.44 -5.05
C ALA A 93 -5.69 15.99 -6.23
N ALA A 94 -5.40 14.83 -6.80
CA ALA A 94 -6.18 14.32 -7.95
C ALA A 94 -7.64 13.98 -7.60
N ASN A 95 -8.11 14.43 -6.44
CA ASN A 95 -9.50 14.25 -5.99
C ASN A 95 -10.18 15.60 -5.74
N VAL A 96 -9.40 16.62 -5.36
CA VAL A 96 -9.93 17.91 -4.90
C VAL A 96 -9.67 19.07 -5.85
N LEU A 97 -8.69 18.89 -6.73
CA LEU A 97 -8.36 19.89 -7.73
C LEU A 97 -9.24 19.71 -8.97
N GLU A 98 -8.99 20.51 -10.00
CA GLU A 98 -9.76 20.44 -11.25
C GLU A 98 -9.70 19.05 -11.88
N GLY A 99 -8.49 18.51 -12.03
CA GLY A 99 -8.30 17.24 -12.73
C GLY A 99 -8.45 16.01 -11.86
N LYS A 100 -8.77 14.88 -12.48
CA LYS A 100 -8.82 13.60 -11.81
C LYS A 100 -7.61 12.72 -12.12
N SER A 101 -6.61 13.34 -12.75
CA SER A 101 -5.35 12.68 -13.07
C SER A 101 -4.22 13.13 -12.13
N GLY A 102 -3.27 12.22 -11.89
CA GLY A 102 -2.13 12.53 -11.06
C GLY A 102 -1.02 11.51 -11.14
N VAL A 103 0.23 12.00 -11.09
CA VAL A 103 1.39 11.12 -11.04
C VAL A 103 2.19 11.44 -9.77
N MET A 104 2.55 10.38 -9.06
CA MET A 104 3.44 10.49 -7.91
C MET A 104 4.79 9.91 -8.27
N LEU A 105 5.82 10.75 -8.20
CA LEU A 105 7.19 10.32 -8.40
C LEU A 105 7.76 9.86 -7.05
N THR A 106 7.78 8.55 -6.84
CA THR A 106 8.25 7.95 -5.59
C THR A 106 8.90 6.59 -5.83
N GLY A 107 9.84 6.20 -4.96
CA GLY A 107 10.38 4.84 -4.91
C GLY A 107 9.93 4.05 -3.69
N SEP A 108 8.70 4.34 -3.24
CA SEP A 108 8.00 3.68 -2.12
CB SEP A 108 7.17 2.43 -2.59
OG SEP A 108 5.98 2.22 -1.79
C SEP A 108 8.86 3.42 -0.87
O SEP A 108 9.32 4.36 -0.22
P SEP A 108 5.24 0.77 -1.87
O1P SEP A 108 6.35 -0.36 -2.03
O2P SEP A 108 4.21 0.71 -3.11
O3P SEP A 108 4.32 0.43 -0.60
N HIS A 109 9.06 2.14 -0.53
CA HIS A 109 9.79 1.73 0.68
C HIS A 109 11.23 1.27 0.35
N ASN A 110 11.61 1.40 -0.91
CA ASN A 110 12.87 0.85 -1.42
C ASN A 110 14.10 1.71 -1.10
N PRO A 111 15.31 1.10 -1.15
CA PRO A 111 16.61 1.80 -1.00
C PRO A 111 16.73 3.11 -1.81
N PRO A 112 17.67 4.00 -1.42
CA PRO A 112 17.77 5.40 -1.85
C PRO A 112 17.73 5.66 -3.37
N ASP A 113 18.38 4.78 -4.15
CA ASP A 113 18.54 4.99 -5.59
C ASP A 113 17.29 4.67 -6.38
N TYR A 114 16.37 3.94 -5.77
CA TYR A 114 15.10 3.62 -6.39
C TYR A 114 14.22 4.85 -6.52
N ASN A 115 13.46 4.87 -7.61
CA ASN A 115 12.33 5.77 -7.79
C ASN A 115 11.30 5.11 -8.73
N GLY A 116 10.28 5.86 -9.14
CA GLY A 116 9.18 5.28 -9.88
C GLY A 116 8.01 6.22 -9.95
N PHE A 117 6.86 5.67 -10.35
CA PHE A 117 5.67 6.46 -10.67
C PHE A 117 4.44 5.68 -10.29
N LYS A 118 3.61 6.26 -9.44
CA LYS A 118 2.26 5.80 -9.20
C LYS A 118 1.29 6.72 -9.95
N ILE A 119 0.40 6.13 -10.75
CA ILE A 119 -0.32 6.89 -11.77
C ILE A 119 -1.84 6.71 -11.70
N VAL A 120 -2.54 7.85 -11.71
CA VAL A 120 -3.98 7.92 -11.73
C VAL A 120 -4.36 8.71 -12.97
N VAL A 121 -5.19 8.11 -13.82
CA VAL A 121 -5.70 8.80 -14.99
C VAL A 121 -7.23 8.81 -14.91
N ALA A 122 -7.82 9.99 -15.06
CA ALA A 122 -9.28 10.16 -15.04
C ALA A 122 -9.96 9.43 -13.90
N GLY A 123 -9.37 9.49 -12.71
CA GLY A 123 -9.93 8.86 -11.52
C GLY A 123 -9.43 7.46 -11.25
N GLU A 124 -8.85 6.81 -12.27
CA GLU A 124 -8.49 5.41 -12.16
C GLU A 124 -7.00 5.19 -12.04
N THR A 125 -6.61 4.46 -11.01
CA THR A 125 -5.21 4.14 -10.79
C THR A 125 -4.85 3.02 -11.73
N LEU A 126 -3.83 3.28 -12.56
CA LEU A 126 -3.44 2.37 -13.63
C LEU A 126 -2.80 1.08 -13.13
N ALA A 127 -3.08 -0.01 -13.86
CA ALA A 127 -2.57 -1.33 -13.52
C ALA A 127 -2.55 -2.27 -14.74
N ASN A 128 -1.72 -3.31 -14.63
CA ASN A 128 -1.60 -4.37 -15.61
C ASN A 128 -1.32 -3.86 -17.03
N GLU A 129 -2.26 -4.06 -17.95
CA GLU A 129 -2.07 -3.68 -19.35
C GLU A 129 -2.09 -2.16 -19.58
N GLN A 130 -2.50 -1.40 -18.58
CA GLN A 130 -2.57 0.05 -18.70
C GLN A 130 -1.20 0.66 -18.50
N ILE A 131 -0.43 0.07 -17.57
CA ILE A 131 0.97 0.43 -17.39
C ILE A 131 1.75 0.11 -18.68
N GLN A 132 1.63 -1.14 -19.15
CA GLN A 132 2.18 -1.56 -20.45
C GLN A 132 1.80 -0.65 -21.61
N ALA A 133 0.54 -0.18 -21.62
CA ALA A 133 0.04 0.73 -22.66
C ALA A 133 0.85 2.01 -22.75
N LEU A 134 1.26 2.54 -21.59
CA LEU A 134 2.13 3.71 -21.51
C LEU A 134 3.46 3.48 -22.23
N ARG A 135 4.05 2.29 -22.01
CA ARG A 135 5.31 1.90 -22.64
C ARG A 135 5.14 1.77 -24.15
N GLU A 136 4.04 1.14 -24.56
CA GLU A 136 3.74 0.95 -25.97
C GLU A 136 3.45 2.26 -26.69
N ARG A 137 2.91 3.25 -25.97
CA ARG A 137 2.70 4.57 -26.56
C ARG A 137 4.00 5.24 -26.97
N ILE A 138 5.01 5.10 -26.12
CA ILE A 138 6.34 5.67 -26.39
C ILE A 138 6.99 4.97 -27.58
N GLU A 139 6.99 3.63 -27.57
CA GLU A 139 7.55 2.82 -28.65
C GLU A 139 6.88 3.15 -29.99
N LYS A 140 5.54 3.18 -30.00
CA LYS A 140 4.74 3.53 -31.18
C LYS A 140 4.87 4.99 -31.57
N ASN A 141 5.27 5.84 -30.62
CA ASN A 141 5.15 7.29 -30.74
C ASN A 141 3.67 7.75 -30.86
N ASP A 142 2.77 7.02 -30.20
CA ASP A 142 1.37 7.41 -30.10
C ASP A 142 1.27 8.42 -28.95
N LEU A 143 1.80 9.63 -29.21
CA LEU A 143 1.93 10.66 -28.18
C LEU A 143 1.38 12.01 -28.64
N ALA A 144 0.65 12.68 -27.74
CA ALA A 144 0.13 14.02 -27.98
C ALA A 144 1.24 15.06 -27.97
N SER A 145 1.00 16.18 -28.66
CA SER A 145 1.90 17.32 -28.70
C SER A 145 1.10 18.59 -28.53
N GLY A 146 1.50 19.40 -27.56
CA GLY A 146 0.80 20.64 -27.29
C GLY A 146 1.66 21.55 -26.45
N VAL A 147 1.08 22.69 -26.07
CA VAL A 147 1.78 23.67 -25.25
C VAL A 147 1.05 23.73 -23.92
N GLY A 148 1.49 22.92 -22.97
CA GLY A 148 0.87 22.84 -21.65
C GLY A 148 1.22 24.00 -20.74
N SER A 149 0.91 23.83 -19.46
CA SER A 149 1.21 24.82 -18.42
C SER A 149 1.47 24.17 -17.06
N VAL A 150 2.11 24.92 -16.16
CA VAL A 150 2.44 24.47 -14.83
C VAL A 150 1.97 25.53 -13.81
N GLU A 151 1.09 25.15 -12.89
CA GLU A 151 0.73 26.01 -11.76
C GLU A 151 1.24 25.42 -10.45
N GLN A 152 1.88 26.26 -9.63
CA GLN A 152 2.29 25.85 -8.30
C GLN A 152 1.05 25.77 -7.43
N VAL A 153 0.93 24.68 -6.67
CA VAL A 153 -0.23 24.46 -5.82
C VAL A 153 0.24 23.95 -4.47
N ASP A 154 -0.07 24.72 -3.44
CA ASP A 154 0.25 24.31 -2.07
C ASP A 154 -0.95 23.58 -1.45
N ILE A 155 -0.95 22.25 -1.55
CA ILE A 155 -2.09 21.41 -1.19
C ILE A 155 -2.07 20.85 0.25
N LEU A 156 -0.86 20.65 0.79
CA LEU A 156 -0.66 20.08 2.14
C LEU A 156 -1.46 20.74 3.26
N PRO A 157 -1.51 22.09 3.30
CA PRO A 157 -2.31 22.70 4.36
C PRO A 157 -3.81 22.37 4.30
N ARG A 158 -4.33 22.13 3.10
CA ARG A 158 -5.73 21.76 2.91
C ARG A 158 -6.02 20.28 3.26
N TYR A 159 -5.07 19.40 2.94
CA TYR A 159 -5.11 18.00 3.35
C TYR A 159 -5.17 17.85 4.86
N PHE A 160 -4.28 18.60 5.51
CA PHE A 160 -4.14 18.69 6.95
C PHE A 160 -5.44 19.05 7.66
N LYS A 161 -6.09 20.10 7.17
CA LYS A 161 -7.33 20.59 7.74
C LYS A 161 -8.48 19.61 7.48
N GLN A 162 -8.46 18.96 6.32
CA GLN A 162 -9.47 17.98 5.96
C GLN A 162 -9.56 16.86 7.01
N ILE A 163 -8.40 16.36 7.41
CA ILE A 163 -8.32 15.30 8.42
C ILE A 163 -8.66 15.85 9.81
N ARG A 164 -8.03 16.96 10.20
CA ARG A 164 -8.23 17.53 11.53
C ARG A 164 -9.70 17.81 11.83
N ASP A 165 -10.42 18.33 10.84
CA ASP A 165 -11.82 18.71 10.99
C ASP A 165 -12.81 17.54 11.01
N ASP A 166 -12.35 16.35 10.62
CA ASP A 166 -13.19 15.15 10.61
C ASP A 166 -12.83 14.16 11.74
N ILE A 167 -11.65 14.30 12.32
CA ILE A 167 -11.22 13.42 13.42
C ILE A 167 -11.57 14.05 14.77
N ALA A 168 -12.23 13.26 15.64
CA ALA A 168 -12.65 13.71 16.96
C ALA A 168 -12.17 12.75 18.05
N MET A 169 -10.95 13.00 18.55
CA MET A 169 -10.38 12.21 19.63
C MET A 169 -11.05 12.49 20.97
N ALA A 170 -11.35 11.43 21.70
CA ALA A 170 -12.12 11.52 22.95
C ALA A 170 -11.24 11.76 24.17
N LYS A 171 -9.96 11.43 24.07
CA LYS A 171 -8.98 11.69 25.12
C LYS A 171 -7.58 11.93 24.54
N PRO A 172 -6.70 12.64 25.29
CA PRO A 172 -5.31 12.78 24.85
C PRO A 172 -4.54 11.44 24.79
N MET A 173 -3.60 11.35 23.86
CA MET A 173 -2.75 10.18 23.70
C MET A 173 -1.29 10.57 23.49
N LYS A 174 -0.36 9.69 23.89
CA LYS A 174 1.07 9.90 23.65
C LYS A 174 1.60 8.89 22.66
N VAL A 175 2.12 9.38 21.54
CA VAL A 175 2.47 8.52 20.41
C VAL A 175 3.91 8.72 19.93
N VAL A 176 4.64 7.62 19.82
CA VAL A 176 5.91 7.62 19.10
C VAL A 176 5.63 7.50 17.60
N VAL A 177 6.24 8.39 16.82
CA VAL A 177 6.07 8.40 15.38
C VAL A 177 7.40 8.24 14.69
N ASP A 178 7.46 7.21 13.85
CA ASP A 178 8.65 6.86 13.12
C ASP A 178 8.34 7.01 11.64
N CYS A 179 9.02 7.98 11.01
CA CYS A 179 8.83 8.25 9.59
C CYS A 179 9.97 7.66 8.74
N GLY A 180 10.94 7.02 9.40
CA GLY A 180 12.04 6.34 8.72
C GLY A 180 12.80 7.25 7.76
N ASN A 181 12.83 8.55 8.08
CA ASN A 181 13.47 9.58 7.25
C ASN A 181 12.82 9.78 5.89
N GLY A 182 11.60 9.25 5.76
CA GLY A 182 10.81 9.42 4.55
C GLY A 182 10.13 10.77 4.53
N VAL A 183 9.12 10.88 3.66
CA VAL A 183 8.45 12.15 3.45
C VAL A 183 7.24 12.35 4.37
N ALA A 184 6.87 11.33 5.13
CA ALA A 184 5.75 11.47 6.07
C ALA A 184 6.08 12.49 7.16
N GLY A 185 7.38 12.62 7.45
CA GLY A 185 7.89 13.66 8.34
C GLY A 185 7.50 15.08 7.98
N VAL A 186 6.94 15.29 6.79
CA VAL A 186 6.48 16.64 6.40
C VAL A 186 5.15 17.02 7.05
N ILE A 187 4.42 16.04 7.56
CA ILE A 187 3.06 16.28 8.06
C ILE A 187 2.61 15.40 9.23
N ALA A 188 3.11 14.18 9.29
CA ALA A 188 2.59 13.17 10.22
C ALA A 188 2.70 13.53 11.72
N PRO A 189 3.88 13.96 12.19
CA PRO A 189 3.91 14.30 13.62
C PRO A 189 3.14 15.60 13.96
N GLN A 190 3.13 16.53 13.00
CA GLN A 190 2.37 17.78 13.08
C GLN A 190 0.87 17.50 13.22
N LEU A 191 0.35 16.68 12.30
CA LEU A 191 -1.07 16.40 12.23
C LEU A 191 -1.56 15.61 13.43
N ILE A 192 -0.83 14.54 13.76
CA ILE A 192 -1.15 13.70 14.90
C ILE A 192 -1.22 14.54 16.17
N GLU A 193 -0.26 15.45 16.34
CA GLU A 193 -0.30 16.41 17.46
C GLU A 193 -1.58 17.27 17.44
N ALA A 194 -1.91 17.84 16.27
CA ALA A 194 -3.10 18.70 16.14
C ALA A 194 -4.41 17.99 16.54
N LEU A 195 -4.41 16.65 16.47
CA LEU A 195 -5.56 15.83 16.88
C LEU A 195 -5.74 15.77 18.40
N GLY A 196 -4.75 16.27 19.15
CA GLY A 196 -4.75 16.23 20.60
C GLY A 196 -3.82 15.15 21.16
N CYS A 197 -2.70 14.94 20.49
CA CYS A 197 -1.69 13.97 20.92
C CYS A 197 -0.37 14.64 21.27
N SER A 198 0.39 13.97 22.13
CA SER A 198 1.80 14.27 22.36
C SER A 198 2.61 13.34 21.46
N VAL A 199 3.52 13.89 20.69
CA VAL A 199 4.27 13.08 19.73
C VAL A 199 5.77 13.04 20.02
N ILE A 200 6.31 11.84 20.13
CA ILE A 200 7.75 11.58 20.20
C ILE A 200 8.23 11.24 18.78
N PRO A 201 8.95 12.16 18.12
CA PRO A 201 9.39 11.86 16.76
C PRO A 201 10.60 10.93 16.69
N LEU A 202 10.59 10.00 15.73
CA LEU A 202 11.75 9.19 15.38
C LEU A 202 11.99 9.30 13.88
N TYR A 203 13.18 9.75 13.52
CA TYR A 203 13.61 9.79 12.13
C TYR A 203 12.61 10.57 11.29
N CYS A 204 12.19 11.71 11.84
CA CYS A 204 11.18 12.55 11.19
C CYS A 204 11.76 13.61 10.24
N GLU A 205 13.09 13.71 10.22
CA GLU A 205 13.76 14.58 9.26
C GLU A 205 13.79 13.88 7.90
N VAL A 206 13.32 14.56 6.87
CA VAL A 206 13.35 14.02 5.52
C VAL A 206 14.79 13.98 5.00
N ASP A 207 15.32 12.77 4.90
CA ASP A 207 16.68 12.54 4.39
C ASP A 207 16.65 11.34 3.43
N GLY A 208 16.76 11.64 2.14
CA GLY A 208 16.74 10.63 1.07
C GLY A 208 17.88 9.63 1.10
N ASN A 209 18.85 9.84 1.99
CA ASN A 209 19.92 8.86 2.21
C ASN A 209 19.49 7.69 3.09
N PHE A 210 18.44 7.90 3.90
CA PHE A 210 17.97 6.92 4.87
C PHE A 210 19.09 6.37 5.76
N PRO A 211 19.77 7.25 6.54
CA PRO A 211 20.97 6.87 7.29
C PRO A 211 20.71 5.88 8.43
N ASN A 212 19.45 5.76 8.84
CA ASN A 212 19.06 5.00 10.02
C ASN A 212 18.55 3.59 9.70
N HIS A 213 17.33 3.51 9.20
CA HIS A 213 16.75 2.25 8.75
C HIS A 213 15.88 2.51 7.52
N HIS A 214 15.90 1.57 6.58
CA HIS A 214 15.02 1.66 5.41
C HIS A 214 13.59 1.93 5.87
N PRO A 215 12.90 2.87 5.19
CA PRO A 215 11.54 3.24 5.58
C PRO A 215 10.53 2.16 5.13
N ASP A 216 10.60 1.01 5.79
CA ASP A 216 9.81 -0.16 5.44
C ASP A 216 9.25 -0.80 6.73
N PRO A 217 8.05 -0.35 7.18
CA PRO A 217 7.43 -0.87 8.41
C PRO A 217 6.90 -2.30 8.29
N GLY A 218 6.98 -2.88 7.10
CA GLY A 218 6.58 -4.27 6.85
C GLY A 218 7.56 -5.27 7.44
N LYS A 219 8.79 -4.84 7.70
CA LYS A 219 9.82 -5.69 8.30
C LYS A 219 10.00 -5.35 9.79
N PRO A 220 10.07 -6.39 10.67
CA PRO A 220 10.12 -6.20 12.14
C PRO A 220 11.38 -5.48 12.65
N GLU A 221 12.51 -5.70 11.98
CA GLU A 221 13.78 -5.08 12.35
C GLU A 221 13.72 -3.56 12.16
N ASN A 222 12.86 -3.11 11.25
CA ASN A 222 12.65 -1.67 11.02
C ASN A 222 11.68 -1.04 12.02
N LEU A 223 11.27 -1.83 13.02
CA LEU A 223 10.40 -1.39 14.09
C LEU A 223 11.08 -1.52 15.45
N LYS A 224 12.31 -2.03 15.46
CA LYS A 224 13.07 -2.21 16.70
C LYS A 224 13.16 -0.90 17.50
N ASP A 225 13.65 0.15 16.83
CA ASP A 225 13.81 1.48 17.43
C ASP A 225 12.48 2.04 17.99
N LEU A 226 11.40 1.84 17.23
CA LEU A 226 10.06 2.28 17.62
C LEU A 226 9.53 1.58 18.88
N ILE A 227 9.68 0.26 18.91
CA ILE A 227 9.28 -0.59 20.05
C ILE A 227 9.96 -0.21 21.38
N ALA A 228 11.28 -0.02 21.35
CA ALA A 228 12.04 0.44 22.52
C ALA A 228 11.60 1.82 23.01
N LYS A 229 11.36 2.72 22.05
CA LYS A 229 10.97 4.09 22.34
C LYS A 229 9.60 4.16 23.00
N VAL A 230 8.68 3.30 22.52
CA VAL A 230 7.33 3.20 23.10
C VAL A 230 7.41 2.82 24.58
N LYS A 231 8.12 1.72 24.86
CA LYS A 231 8.35 1.27 26.22
C LYS A 231 9.09 2.29 27.07
N ALA A 232 10.18 2.85 26.54
CA ALA A 232 11.02 3.79 27.30
C ALA A 232 10.28 5.07 27.70
N GLU A 233 9.31 5.49 26.88
CA GLU A 233 8.59 6.74 27.10
C GLU A 233 7.17 6.53 27.63
N ASN A 234 6.81 5.29 27.93
CA ASN A 234 5.43 4.94 28.34
C ASN A 234 4.38 5.57 27.42
N ALA A 235 4.65 5.52 26.11
CA ALA A 235 3.73 5.96 25.08
C ALA A 235 2.56 5.00 24.96
N ASP A 236 1.39 5.54 24.59
CA ASP A 236 0.19 4.74 24.45
C ASP A 236 0.24 3.91 23.16
N LEU A 237 1.08 4.34 22.22
CA LEU A 237 1.11 3.74 20.89
C LEU A 237 2.38 4.14 20.15
N GLY A 238 2.80 3.27 19.23
CA GLY A 238 3.86 3.58 18.29
C GLY A 238 3.36 3.40 16.87
N LEU A 239 3.81 4.30 16.00
CA LEU A 239 3.42 4.29 14.59
C LEU A 239 4.66 4.41 13.70
N ALA A 240 4.68 3.65 12.62
CA ALA A 240 5.72 3.74 11.61
C ALA A 240 5.11 4.03 10.24
N PHE A 241 5.82 4.79 9.42
CA PHE A 241 5.36 5.11 8.06
C PHE A 241 6.45 4.68 7.10
N ASP A 242 6.03 4.25 5.91
CA ASP A 242 6.98 3.90 4.85
C ASP A 242 7.42 5.15 4.11
N GLY A 243 8.40 4.99 3.24
CA GLY A 243 8.98 6.09 2.48
C GLY A 243 8.01 7.17 2.01
N ASP A 244 6.95 6.75 1.32
CA ASP A 244 6.04 7.71 0.68
C ASP A 244 4.74 7.94 1.44
N GLY A 245 4.56 7.21 2.55
CA GLY A 245 3.44 7.44 3.47
C GLY A 245 2.12 6.77 3.13
N ASP A 246 2.15 5.79 2.23
CA ASP A 246 0.93 5.04 1.89
C ASP A 246 0.79 3.74 2.70
N ARG A 247 1.81 3.44 3.51
CA ARG A 247 1.78 2.29 4.42
C ARG A 247 1.95 2.73 5.88
N VAL A 248 1.23 2.07 6.78
CA VAL A 248 1.37 2.32 8.22
C VAL A 248 1.69 1.03 9.01
N GLY A 249 2.58 1.14 9.97
CA GLY A 249 2.88 0.07 10.92
C GLY A 249 2.43 0.51 12.31
N VAL A 250 1.91 -0.43 13.08
CA VAL A 250 1.29 -0.15 14.38
C VAL A 250 1.92 -1.03 15.47
N VAL A 251 2.23 -0.39 16.59
CA VAL A 251 2.86 -1.03 17.75
C VAL A 251 2.03 -0.65 18.99
N THR A 252 1.85 -1.59 19.92
CA THR A 252 1.02 -1.34 21.11
C THR A 252 1.85 -0.69 22.22
N ASN A 253 1.21 -0.28 23.31
CA ASN A 253 1.92 0.30 24.44
C ASN A 253 2.94 -0.65 25.08
N THR A 254 2.73 -1.96 24.92
CA THR A 254 3.69 -2.95 25.43
C THR A 254 4.62 -3.52 24.36
N GLY A 255 4.57 -2.94 23.16
CA GLY A 255 5.54 -3.24 22.10
C GLY A 255 5.12 -4.33 21.13
N THR A 256 3.84 -4.73 21.19
CA THR A 256 3.30 -5.74 20.28
C THR A 256 3.03 -5.16 18.88
N ILE A 257 3.61 -5.80 17.87
CA ILE A 257 3.41 -5.41 16.48
C ILE A 257 2.01 -5.81 16.03
N ILE A 258 1.23 -4.82 15.60
CA ILE A 258 -0.11 -5.07 15.08
C ILE A 258 -0.13 -5.07 13.57
N TYR A 259 -0.18 -6.28 13.03
CA TYR A 259 -0.23 -6.49 11.59
C TYR A 259 -1.50 -5.95 10.94
N PRO A 260 -1.38 -5.48 9.69
CA PRO A 260 -2.49 -4.73 9.09
C PRO A 260 -3.79 -5.53 8.93
N ASP A 261 -3.72 -6.86 8.95
CA ASP A 261 -4.95 -7.63 8.86
C ASP A 261 -5.77 -7.61 10.15
N ARG A 262 -5.08 -7.50 11.30
CA ARG A 262 -5.75 -7.33 12.59
C ARG A 262 -6.13 -5.88 12.84
N LEU A 263 -5.32 -4.96 12.33
CA LEU A 263 -5.70 -3.55 12.27
C LEU A 263 -7.01 -3.36 11.50
N LEU A 264 -7.13 -4.01 10.35
CA LEU A 264 -8.35 -3.96 9.54
C LEU A 264 -9.60 -4.51 10.24
N MET A 265 -9.43 -5.36 11.24
CA MET A 265 -10.53 -5.86 12.08
C MET A 265 -11.18 -4.75 12.89
N LEU A 266 -10.34 -3.89 13.47
CA LEU A 266 -10.80 -2.75 14.26
C LEU A 266 -11.51 -1.69 13.41
N PHE A 267 -10.94 -1.41 12.23
CA PHE A 267 -11.54 -0.49 11.28
C PHE A 267 -12.87 -1.02 10.74
N ALA A 268 -12.92 -2.31 10.43
CA ALA A 268 -14.12 -2.92 9.86
C ALA A 268 -15.29 -2.80 10.83
N LYS A 269 -15.05 -3.17 12.09
CA LYS A 269 -16.03 -2.98 13.16
C LYS A 269 -16.55 -1.55 13.16
N ASP A 270 -15.62 -0.61 13.03
CA ASP A 270 -15.92 0.82 13.10
C ASP A 270 -16.76 1.28 11.91
N VAL A 271 -16.23 1.05 10.70
CA VAL A 271 -16.89 1.43 9.46
C VAL A 271 -18.26 0.78 9.31
N VAL A 272 -18.32 -0.53 9.59
CA VAL A 272 -19.55 -1.33 9.42
C VAL A 272 -20.66 -0.92 10.39
N SER A 273 -20.30 -0.43 11.57
CA SER A 273 -21.29 0.00 12.58
C SER A 273 -22.12 1.20 12.15
N ARG A 274 -21.58 2.04 11.28
CA ARG A 274 -22.32 3.20 10.78
C ARG A 274 -22.88 2.90 9.40
N ASN A 275 -22.44 1.78 8.83
CA ASN A 275 -22.77 1.41 7.46
C ASN A 275 -23.13 -0.08 7.38
N PRO A 276 -24.38 -0.42 7.74
CA PRO A 276 -24.81 -1.82 7.64
C PRO A 276 -24.67 -2.38 6.22
N GLY A 277 -24.08 -3.58 6.12
CA GLY A 277 -23.99 -4.27 4.84
C GLY A 277 -22.81 -3.85 3.97
N ALA A 278 -22.01 -2.91 4.48
CA ALA A 278 -20.86 -2.41 3.76
C ALA A 278 -19.96 -3.53 3.24
N ASP A 279 -19.53 -3.41 1.99
CA ASP A 279 -18.51 -4.29 1.43
C ASP A 279 -17.14 -3.89 2.00
N ILE A 280 -16.37 -4.89 2.46
CA ILE A 280 -15.02 -4.67 3.02
C ILE A 280 -14.03 -5.56 2.29
N ILE A 281 -13.00 -4.94 1.72
CA ILE A 281 -12.01 -5.67 0.92
C ILE A 281 -10.71 -5.89 1.69
N PHE A 282 -10.19 -7.12 1.59
CA PHE A 282 -8.87 -7.47 2.08
C PHE A 282 -8.16 -8.31 1.02
N ASP A 283 -6.83 -8.30 1.03
CA ASP A 283 -6.09 -9.11 0.06
C ASP A 283 -5.93 -10.58 0.47
N VAL A 284 -5.40 -11.41 -0.43
CA VAL A 284 -5.26 -12.86 -0.15
C VAL A 284 -4.22 -13.21 0.92
N LYS A 285 -3.43 -12.21 1.33
CA LYS A 285 -2.42 -12.41 2.38
C LYS A 285 -2.99 -12.29 3.80
N CYS A 286 -4.25 -11.88 3.91
CA CYS A 286 -4.87 -11.59 5.20
C CYS A 286 -5.48 -12.82 5.88
N THR A 287 -5.44 -12.82 7.21
CA THR A 287 -6.07 -13.87 8.00
C THR A 287 -7.54 -14.15 7.60
N ARG A 288 -7.90 -15.43 7.61
CA ARG A 288 -9.29 -15.85 7.39
C ARG A 288 -10.24 -15.28 8.47
N ARG A 289 -9.68 -14.87 9.60
CA ARG A 289 -10.46 -14.34 10.71
C ARG A 289 -11.15 -13.04 10.38
N LEU A 290 -10.64 -12.33 9.36
CA LEU A 290 -11.30 -11.14 8.85
C LEU A 290 -12.64 -11.49 8.24
N ILE A 291 -12.68 -12.55 7.45
CA ILE A 291 -13.92 -12.97 6.79
C ILE A 291 -15.05 -13.13 7.82
N ALA A 292 -14.73 -13.83 8.91
CA ALA A 292 -15.68 -14.12 9.96
C ALA A 292 -16.11 -12.85 10.67
N LEU A 293 -15.12 -12.07 11.10
CA LEU A 293 -15.38 -10.80 11.77
C LEU A 293 -16.24 -9.83 10.94
N ILE A 294 -15.91 -9.69 9.65
CA ILE A 294 -16.69 -8.82 8.78
C ILE A 294 -18.15 -9.33 8.65
N SER A 295 -18.33 -10.62 8.42
CA SER A 295 -19.67 -11.23 8.33
C SER A 295 -20.44 -11.09 9.66
N GLY A 296 -19.72 -11.27 10.76
CA GLY A 296 -20.28 -11.14 12.10
C GLY A 296 -20.93 -9.79 12.37
N TYR A 297 -20.38 -8.74 11.79
CA TYR A 297 -20.90 -7.39 11.95
C TYR A 297 -21.92 -7.01 10.87
N GLY A 298 -22.22 -7.97 9.99
CA GLY A 298 -23.15 -7.74 8.89
C GLY A 298 -22.50 -7.08 7.68
N GLY A 299 -21.18 -7.15 7.62
CA GLY A 299 -20.44 -6.67 6.47
C GLY A 299 -20.38 -7.73 5.38
N ARG A 300 -19.92 -7.32 4.20
CA ARG A 300 -19.74 -8.24 3.09
C ARG A 300 -18.24 -8.30 2.81
N PRO A 301 -17.58 -9.42 3.19
CA PRO A 301 -16.14 -9.55 3.04
C PRO A 301 -15.78 -9.94 1.61
N VAL A 302 -14.96 -9.12 0.97
CA VAL A 302 -14.52 -9.37 -0.40
C VAL A 302 -13.03 -9.62 -0.43
N MET A 303 -12.63 -10.86 -0.66
CA MET A 303 -11.22 -11.18 -0.82
C MET A 303 -10.74 -10.77 -2.21
N TRP A 304 -9.60 -10.10 -2.30
CA TRP A 304 -9.06 -9.71 -3.59
C TRP A 304 -7.52 -9.82 -3.72
N LYS A 305 -7.01 -9.44 -4.89
CA LYS A 305 -5.59 -9.45 -5.23
C LYS A 305 -4.73 -8.48 -4.41
N THR A 306 -3.50 -8.87 -4.13
CA THR A 306 -2.49 -7.99 -3.55
C THR A 306 -2.18 -6.89 -4.54
N GLY A 307 -1.91 -5.68 -4.03
CA GLY A 307 -1.48 -4.56 -4.87
C GLY A 307 -2.43 -3.39 -4.82
N HIS A 308 -1.89 -2.22 -4.48
CA HIS A 308 -2.68 -1.01 -4.25
C HIS A 308 -3.64 -0.63 -5.39
N SER A 309 -3.15 -0.68 -6.63
CA SER A 309 -3.96 -0.34 -7.81
C SER A 309 -5.13 -1.29 -8.05
N LEU A 310 -4.89 -2.58 -7.83
CA LEU A 310 -5.90 -3.62 -8.02
C LEU A 310 -7.01 -3.49 -6.98
N ILE A 311 -6.61 -3.17 -5.76
CA ILE A 311 -7.52 -2.94 -4.63
C ILE A 311 -8.38 -1.69 -4.89
N LYS A 312 -7.78 -0.61 -5.34
CA LYS A 312 -8.52 0.62 -5.61
C LYS A 312 -9.56 0.44 -6.72
N LYS A 313 -9.18 -0.31 -7.77
CA LYS A 313 -10.12 -0.69 -8.83
C LYS A 313 -11.26 -1.53 -8.25
N LYS A 314 -10.91 -2.47 -7.39
CA LYS A 314 -11.90 -3.35 -6.76
C LYS A 314 -12.90 -2.55 -5.90
N MET A 315 -12.41 -1.49 -5.27
CA MET A 315 -13.26 -0.63 -4.45
C MET A 315 -14.31 0.13 -5.25
N LYS A 316 -13.92 0.63 -6.42
CA LYS A 316 -14.89 1.26 -7.32
C LYS A 316 -15.90 0.25 -7.88
N GLU A 317 -15.41 -0.96 -8.17
N GLU A 317 -15.43 -0.97 -8.14
CA GLU A 317 -16.24 -2.04 -8.73
CA GLU A 317 -16.27 -2.00 -8.75
C GLU A 317 -17.33 -2.49 -7.75
C GLU A 317 -17.28 -2.62 -7.77
N THR A 318 -16.95 -2.62 -6.48
CA THR A 318 -17.82 -3.19 -5.45
C THR A 318 -18.57 -2.11 -4.67
N GLY A 319 -18.04 -0.88 -4.70
CA GLY A 319 -18.50 0.20 -3.81
C GLY A 319 -18.10 -0.03 -2.36
N ALA A 320 -17.01 -0.76 -2.13
CA ALA A 320 -16.55 -1.04 -0.78
C ALA A 320 -16.22 0.25 -0.03
N LEU A 321 -16.51 0.27 1.27
CA LEU A 321 -16.27 1.46 2.08
C LEU A 321 -14.90 1.47 2.74
N LEU A 322 -14.26 0.32 2.73
CA LEU A 322 -12.97 0.13 3.35
C LEU A 322 -12.22 -1.03 2.71
N ALA A 323 -10.92 -0.87 2.53
CA ALA A 323 -10.05 -1.99 2.13
C ALA A 323 -8.72 -1.95 2.88
N GLY A 324 -8.09 -3.11 2.99
CA GLY A 324 -6.76 -3.24 3.60
C GLY A 324 -5.95 -4.35 2.94
N GLU A 325 -4.63 -4.17 2.98
CA GLU A 325 -3.64 -5.13 2.47
C GLU A 325 -2.73 -5.53 3.61
N MET A 326 -2.16 -6.73 3.53
CA MET A 326 -1.21 -7.23 4.52
C MET A 326 0.11 -6.43 4.57
N SER A 327 0.46 -5.78 3.46
CA SER A 327 1.64 -4.91 3.37
C SER A 327 1.53 -3.62 4.21
N GLY A 328 0.32 -3.17 4.52
CA GLY A 328 0.16 -1.96 5.33
C GLY A 328 -0.63 -0.85 4.64
N HIS A 329 -1.08 -1.13 3.42
CA HIS A 329 -1.92 -0.20 2.69
C HIS A 329 -3.32 -0.33 3.25
N VAL A 330 -3.89 0.81 3.63
CA VAL A 330 -5.27 0.82 4.13
C VAL A 330 -6.05 1.93 3.45
N PHE A 331 -7.17 1.53 2.85
CA PHE A 331 -7.95 2.39 1.97
C PHE A 331 -9.31 2.70 2.60
N PHE A 332 -9.51 3.94 3.04
CA PHE A 332 -10.80 4.41 3.52
C PHE A 332 -11.58 5.12 2.43
N LYS A 333 -12.77 4.61 2.12
CA LYS A 333 -13.71 5.35 1.28
C LYS A 333 -14.69 6.12 2.16
N GLU A 334 -15.14 5.49 3.24
CA GLU A 334 -15.98 6.14 4.24
C GLU A 334 -15.25 7.31 4.84
N ARG A 335 -15.88 8.50 4.73
CA ARG A 335 -15.40 9.76 5.30
C ARG A 335 -14.14 10.25 4.59
N TRP A 336 -13.86 9.65 3.44
CA TRP A 336 -12.60 9.85 2.74
C TRP A 336 -12.83 9.70 1.23
N PHE A 337 -11.78 9.31 0.51
CA PHE A 337 -11.78 9.32 -0.95
C PHE A 337 -11.55 7.95 -1.57
N GLY A 338 -11.02 7.03 -0.77
CA GLY A 338 -10.91 5.64 -1.21
C GLY A 338 -9.53 5.25 -1.70
N PHE A 339 -8.55 6.11 -1.45
CA PHE A 339 -7.17 5.78 -1.74
C PHE A 339 -6.43 5.33 -0.47
N ASP A 340 -5.33 4.58 -0.65
CA ASP A 340 -4.51 4.14 0.47
C ASP A 340 -3.79 5.35 1.04
N ASP A 341 -3.77 5.43 2.37
CA ASP A 341 -3.26 6.58 3.09
C ASP A 341 -2.89 6.13 4.49
N GLY A 342 -1.59 6.07 4.75
CA GLY A 342 -1.08 5.62 6.02
C GLY A 342 -1.32 6.66 7.08
N ILE A 343 -1.24 7.92 6.64
CA ILE A 343 -1.39 9.09 7.51
C ILE A 343 -2.85 9.29 7.95
N TYR A 344 -3.78 9.15 7.02
CA TYR A 344 -5.20 9.19 7.36
C TYR A 344 -5.63 7.97 8.21
N SER A 345 -5.12 6.80 7.87
CA SER A 345 -5.40 5.57 8.62
C SER A 345 -4.94 5.66 10.07
N ALA A 346 -3.73 6.17 10.29
CA ALA A 346 -3.23 6.46 11.64
C ALA A 346 -4.23 7.31 12.43
N ALA A 347 -4.68 8.40 11.80
CA ALA A 347 -5.70 9.28 12.33
C ALA A 347 -7.00 8.55 12.68
N ARG A 348 -7.47 7.68 11.79
CA ARG A 348 -8.63 6.83 12.10
C ARG A 348 -8.35 5.84 13.25
N LEU A 349 -7.13 5.29 13.33
CA LEU A 349 -6.76 4.41 14.44
C LEU A 349 -6.82 5.16 15.76
N LEU A 350 -6.27 6.37 15.76
CA LEU A 350 -6.17 7.16 16.99
C LEU A 350 -7.51 7.62 17.52
N GLU A 351 -8.42 7.98 16.62
CA GLU A 351 -9.81 8.33 16.97
C GLU A 351 -10.53 7.19 17.71
N ILE A 352 -10.37 5.97 17.20
CA ILE A 352 -11.02 4.78 17.73
C ILE A 352 -10.42 4.38 19.08
N LEU A 353 -9.09 4.42 19.17
CA LEU A 353 -8.38 4.03 20.38
C LEU A 353 -8.61 5.02 21.52
N SER A 354 -8.80 6.29 21.18
CA SER A 354 -9.10 7.34 22.17
C SER A 354 -10.52 7.24 22.75
N GLN A 355 -11.42 6.57 22.03
CA GLN A 355 -12.79 6.41 22.50
C GLN A 355 -12.95 5.23 23.46
N ASP A 356 -11.88 4.45 23.61
CA ASP A 356 -11.84 3.29 24.48
C ASP A 356 -11.06 3.58 25.78
N GLN A 357 -11.53 3.00 26.88
CA GLN A 357 -10.89 3.16 28.19
C GLN A 357 -9.63 2.28 28.33
N ARG A 358 -9.57 1.19 27.57
CA ARG A 358 -8.43 0.26 27.61
C ARG A 358 -7.24 0.75 26.79
N ASP A 359 -6.06 0.21 27.08
CA ASP A 359 -4.86 0.53 26.33
C ASP A 359 -4.86 -0.22 24.99
N SER A 360 -3.96 0.18 24.07
CA SER A 360 -3.95 -0.40 22.72
C SER A 360 -3.69 -1.90 22.71
N GLU A 361 -2.84 -2.37 23.60
CA GLU A 361 -2.58 -3.81 23.76
C GLU A 361 -3.87 -4.60 23.95
N HIS A 362 -4.69 -4.17 24.92
CA HIS A 362 -5.91 -4.89 25.28
C HIS A 362 -7.07 -4.73 24.29
N VAL A 363 -7.14 -3.57 23.63
CA VAL A 363 -8.04 -3.36 22.51
C VAL A 363 -7.76 -4.43 21.43
N PHE A 364 -6.49 -4.57 21.07
CA PHE A 364 -6.10 -5.48 20.00
C PHE A 364 -6.04 -6.96 20.38
N SER A 365 -5.74 -7.28 21.63
CA SER A 365 -5.72 -8.68 22.07
C SER A 365 -7.12 -9.28 22.30
N ALA A 366 -8.15 -8.43 22.35
CA ALA A 366 -9.55 -8.87 22.43
C ALA A 366 -9.97 -9.72 21.22
N PHE A 367 -9.39 -9.40 20.06
CA PHE A 367 -9.66 -10.11 18.81
C PHE A 367 -8.93 -11.45 18.76
N PRO A 368 -9.50 -12.43 18.03
CA PRO A 368 -8.92 -13.77 17.94
C PRO A 368 -7.61 -13.79 17.19
N SER A 369 -6.74 -14.69 17.60
CA SER A 369 -5.47 -14.90 16.93
C SER A 369 -5.37 -16.35 16.52
N ASP A 370 -4.60 -16.60 15.45
CA ASP A 370 -4.21 -17.93 15.05
C ASP A 370 -2.70 -17.96 14.95
N ILE A 371 -2.12 -19.15 15.06
CA ILE A 371 -0.68 -19.32 14.84
C ILE A 371 -0.40 -18.93 13.38
N SER A 372 0.50 -17.97 13.21
CA SER A 372 0.74 -17.39 11.92
C SER A 372 2.21 -17.50 11.54
N THR A 373 2.48 -17.72 10.25
CA THR A 373 3.86 -17.65 9.76
C THR A 373 4.14 -16.24 9.27
N PRO A 374 5.42 -15.87 9.21
CA PRO A 374 5.71 -14.66 8.45
C PRO A 374 5.60 -14.97 6.95
N GLU A 375 5.28 -13.96 6.16
CA GLU A 375 5.35 -14.07 4.71
C GLU A 375 6.67 -14.77 4.29
N ILE A 376 6.56 -15.82 3.48
CA ILE A 376 7.70 -16.60 3.00
C ILE A 376 7.97 -16.25 1.54
N ASN A 377 9.24 -16.25 1.16
CA ASN A 377 9.63 -15.93 -0.21
C ASN A 377 10.53 -17.00 -0.81
N ILE A 378 10.19 -17.47 -2.00
CA ILE A 378 11.07 -18.34 -2.78
C ILE A 378 11.42 -17.61 -4.07
N THR A 379 12.72 -17.36 -4.27
CA THR A 379 13.20 -16.73 -5.50
C THR A 379 13.23 -17.72 -6.67
N VAL A 380 12.47 -17.37 -7.70
CA VAL A 380 12.42 -18.13 -8.94
C VAL A 380 12.99 -17.26 -10.09
N THR A 381 12.27 -17.18 -11.21
CA THR A 381 12.66 -16.27 -12.31
C THR A 381 11.42 -15.47 -12.77
N GLU A 382 11.66 -14.31 -13.39
CA GLU A 382 10.56 -13.49 -13.92
C GLU A 382 9.78 -14.23 -15.01
N ASP A 383 10.45 -15.19 -15.64
CA ASP A 383 9.91 -15.92 -16.78
C ASP A 383 9.45 -17.33 -16.37
N SER A 384 9.37 -17.56 -15.07
CA SER A 384 8.90 -18.84 -14.54
C SER A 384 7.77 -18.67 -13.51
N LYS A 385 7.75 -17.52 -12.82
CA LYS A 385 6.87 -17.34 -11.66
C LYS A 385 5.37 -17.44 -11.98
N PHE A 386 4.94 -16.85 -13.09
CA PHE A 386 3.54 -16.92 -13.48
C PHE A 386 3.19 -18.32 -13.99
N ALA A 387 4.13 -18.94 -14.69
CA ALA A 387 4.00 -20.29 -15.21
C ALA A 387 3.88 -21.36 -14.11
N ILE A 388 4.59 -21.14 -13.01
CA ILE A 388 4.49 -22.03 -11.84
C ILE A 388 3.07 -21.93 -11.26
N ILE A 389 2.55 -20.71 -11.19
CA ILE A 389 1.21 -20.48 -10.68
C ILE A 389 0.17 -21.14 -11.56
N GLU A 390 0.34 -20.97 -12.87
CA GLU A 390 -0.56 -21.55 -13.86
C GLU A 390 -0.56 -23.07 -13.80
N ALA A 391 0.62 -23.67 -13.63
CA ALA A 391 0.76 -25.13 -13.45
C ALA A 391 0.04 -25.61 -12.18
N LEU A 392 0.18 -24.86 -11.08
CA LEU A 392 -0.53 -25.14 -9.83
C LEU A 392 -2.03 -24.96 -9.98
N GLN A 393 -2.44 -23.98 -10.80
CA GLN A 393 -3.85 -23.74 -11.05
C GLN A 393 -4.46 -24.81 -11.96
N ARG A 394 -3.65 -25.33 -12.89
CA ARG A 394 -4.04 -26.44 -13.75
C ARG A 394 -4.06 -27.80 -13.03
N ASP A 395 -2.96 -28.12 -12.35
CA ASP A 395 -2.66 -29.53 -12.00
C ASP A 395 -2.82 -29.91 -10.52
N ALA A 396 -2.82 -28.91 -9.63
CA ALA A 396 -2.69 -29.18 -8.20
C ALA A 396 -3.93 -29.77 -7.52
N GLN A 397 -3.67 -30.61 -6.53
CA GLN A 397 -4.68 -31.22 -5.67
C GLN A 397 -4.48 -30.74 -4.23
N TRP A 398 -5.53 -30.17 -3.65
CA TRP A 398 -5.43 -29.54 -2.33
C TRP A 398 -6.22 -30.25 -1.23
N GLY A 399 -6.92 -31.32 -1.60
CA GLY A 399 -7.89 -31.96 -0.71
C GLY A 399 -9.14 -31.11 -0.51
N GLU A 400 -9.88 -31.42 0.56
CA GLU A 400 -11.06 -30.64 0.88
C GLU A 400 -10.68 -29.27 1.42
N GLY A 401 -11.16 -28.23 0.74
CA GLY A 401 -10.96 -26.84 1.16
C GLY A 401 -11.68 -25.94 0.19
N ASN A 402 -11.81 -24.66 0.53
CA ASN A 402 -12.32 -23.66 -0.42
C ASN A 402 -11.15 -23.10 -1.23
N ILE A 403 -11.11 -23.43 -2.52
CA ILE A 403 -10.00 -23.04 -3.37
C ILE A 403 -10.29 -21.71 -4.05
N THR A 404 -9.42 -20.74 -3.79
CA THR A 404 -9.47 -19.44 -4.48
C THR A 404 -8.24 -19.31 -5.40
N THR A 405 -8.50 -19.00 -6.67
CA THR A 405 -7.44 -18.77 -7.66
C THR A 405 -7.42 -17.34 -8.22
N LEU A 406 -8.10 -16.40 -7.58
CA LEU A 406 -8.10 -15.01 -8.05
C LEU A 406 -6.69 -14.40 -8.13
N ASP A 407 -5.79 -14.86 -7.25
CA ASP A 407 -4.38 -14.43 -7.20
C ASP A 407 -3.51 -15.56 -6.62
N GLY A 408 -2.80 -16.26 -7.49
CA GLY A 408 -2.11 -17.51 -7.10
C GLY A 408 -3.13 -18.58 -6.73
N VAL A 409 -2.82 -19.34 -5.68
CA VAL A 409 -3.76 -20.30 -5.13
C VAL A 409 -3.82 -20.11 -3.62
N ARG A 410 -5.00 -19.78 -3.11
CA ARG A 410 -5.29 -19.84 -1.68
C ARG A 410 -6.30 -20.95 -1.38
N VAL A 411 -6.04 -21.72 -0.32
CA VAL A 411 -6.96 -22.76 0.12
C VAL A 411 -7.27 -22.56 1.60
N ASP A 412 -8.55 -22.33 1.89
CA ASP A 412 -9.04 -22.20 3.26
C ASP A 412 -9.59 -23.53 3.74
N TYR A 413 -8.94 -24.06 4.78
CA TYR A 413 -9.36 -25.27 5.44
C TYR A 413 -10.17 -24.87 6.67
N PRO A 414 -10.95 -25.81 7.26
CA PRO A 414 -11.70 -25.48 8.48
C PRO A 414 -10.83 -24.91 9.62
N LYS A 415 -9.57 -25.35 9.71
CA LYS A 415 -8.72 -24.95 10.84
C LYS A 415 -7.47 -24.13 10.44
N GLY A 416 -7.43 -23.66 9.19
CA GLY A 416 -6.32 -22.85 8.71
C GLY A 416 -6.35 -22.58 7.23
N TRP A 417 -5.32 -21.92 6.71
CA TRP A 417 -5.25 -21.62 5.29
C TRP A 417 -3.80 -21.47 4.81
N GLY A 418 -3.60 -21.75 3.53
CA GLY A 418 -2.30 -21.54 2.92
C GLY A 418 -2.45 -20.75 1.63
N LEU A 419 -1.37 -20.07 1.26
CA LEU A 419 -1.35 -19.28 0.05
C LEU A 419 0.00 -19.41 -0.64
N VAL A 420 -0.04 -19.40 -1.98
CA VAL A 420 1.14 -19.21 -2.81
C VAL A 420 0.73 -18.39 -4.01
N ARG A 421 1.50 -17.34 -4.29
CA ARG A 421 1.22 -16.44 -5.41
C ARG A 421 2.54 -15.85 -5.89
N ALA A 422 2.52 -15.33 -7.12
CA ALA A 422 3.68 -14.65 -7.69
C ALA A 422 3.67 -13.17 -7.32
N SER A 423 4.79 -12.70 -6.79
CA SER A 423 5.01 -11.27 -6.58
C SER A 423 4.87 -10.48 -7.88
N ASN A 424 4.46 -9.22 -7.77
CA ASN A 424 4.45 -8.31 -8.91
C ASN A 424 5.49 -7.20 -8.76
N THR A 425 6.50 -7.46 -7.92
CA THR A 425 7.63 -6.54 -7.79
C THR A 425 8.94 -7.26 -7.98
N THR A 426 8.97 -8.56 -7.66
CA THR A 426 10.20 -9.37 -7.65
C THR A 426 9.99 -10.76 -8.25
N PRO A 427 11.07 -11.42 -8.75
CA PRO A 427 10.94 -12.79 -9.24
C PRO A 427 10.76 -13.83 -8.13
N VAL A 428 9.70 -13.67 -7.34
CA VAL A 428 9.50 -14.55 -6.18
C VAL A 428 8.07 -15.08 -6.06
N LEU A 429 7.98 -16.27 -5.52
CA LEU A 429 6.73 -16.83 -5.03
C LEU A 429 6.57 -16.41 -3.58
N VAL A 430 5.41 -15.84 -3.28
CA VAL A 430 5.09 -15.34 -1.95
C VAL A 430 4.11 -16.32 -1.29
N LEU A 431 4.46 -16.76 -0.08
CA LEU A 431 3.63 -17.73 0.65
C LEU A 431 3.30 -17.25 2.07
N ARG A 432 2.16 -17.72 2.58
CA ARG A 432 1.66 -17.43 3.92
C ARG A 432 0.86 -18.62 4.38
N PHE A 433 0.94 -18.92 5.67
CA PHE A 433 0.17 -19.99 6.29
C PHE A 433 -0.36 -19.53 7.64
N GLU A 434 -1.56 -19.98 7.97
CA GLU A 434 -2.17 -19.74 9.27
C GLU A 434 -2.93 -20.97 9.70
N ALA A 435 -3.01 -21.21 11.02
CA ALA A 435 -3.78 -22.32 11.58
C ALA A 435 -4.13 -22.16 13.07
N ASP A 436 -4.95 -23.08 13.59
CA ASP A 436 -5.31 -23.16 14.99
C ASP A 436 -4.20 -23.80 15.81
N THR A 437 -3.49 -24.73 15.19
CA THR A 437 -2.50 -25.55 15.89
C THR A 437 -1.22 -25.67 15.07
N GLU A 438 -0.13 -26.02 15.76
CA GLU A 438 1.14 -26.32 15.08
C GLU A 438 0.95 -27.52 14.16
N GLU A 439 0.18 -28.51 14.63
CA GLU A 439 -0.13 -29.71 13.86
C GLU A 439 -0.78 -29.37 12.51
N GLU A 440 -1.80 -28.50 12.55
CA GLU A 440 -2.55 -28.12 11.35
C GLU A 440 -1.73 -27.24 10.40
N LEU A 441 -0.98 -26.31 10.99
CA LEU A 441 -0.03 -25.46 10.27
C LEU A 441 0.95 -26.31 9.47
N GLU A 442 1.48 -27.36 10.12
CA GLU A 442 2.39 -28.29 9.45
C GLU A 442 1.70 -29.07 8.33
N ARG A 443 0.44 -29.45 8.56
CA ARG A 443 -0.30 -30.22 7.58
C ARG A 443 -0.49 -29.40 6.31
N ILE A 444 -0.88 -28.15 6.46
CA ILE A 444 -1.08 -27.24 5.32
C ILE A 444 0.24 -26.95 4.57
N LYS A 445 1.31 -26.68 5.32
CA LYS A 445 2.64 -26.53 4.73
C LYS A 445 3.07 -27.74 3.91
N THR A 446 2.76 -28.93 4.41
CA THR A 446 3.10 -30.19 3.72
C THR A 446 2.26 -30.35 2.45
N VAL A 447 0.99 -29.95 2.52
CA VAL A 447 0.13 -29.94 1.35
C VAL A 447 0.76 -29.08 0.26
N PHE A 448 1.10 -27.84 0.62
CA PHE A 448 1.68 -26.89 -0.32
C PHE A 448 3.07 -27.27 -0.81
N ARG A 449 3.92 -27.75 0.11
CA ARG A 449 5.24 -28.27 -0.28
C ARG A 449 5.12 -29.37 -1.35
N ASN A 450 4.20 -30.31 -1.15
CA ASN A 450 4.04 -31.41 -2.10
C ASN A 450 3.47 -31.00 -3.45
N GLN A 451 2.60 -29.99 -3.47
CA GLN A 451 2.06 -29.47 -4.72
C GLN A 451 3.11 -28.72 -5.52
N LEU A 452 3.98 -28.01 -4.82
CA LEU A 452 5.09 -27.29 -5.45
C LEU A 452 6.13 -28.24 -6.01
N LYS A 453 6.47 -29.28 -5.24
CA LYS A 453 7.40 -30.32 -5.69
C LYS A 453 6.87 -31.08 -6.92
N ALA A 454 5.55 -31.30 -6.95
CA ALA A 454 4.91 -31.96 -8.09
C ALA A 454 4.95 -31.12 -9.38
N VAL A 455 5.01 -29.80 -9.28
CA VAL A 455 5.18 -28.93 -10.45
C VAL A 455 6.65 -28.96 -10.91
N ASP A 456 7.54 -28.80 -9.94
CA ASP A 456 8.98 -28.79 -10.16
C ASP A 456 9.64 -29.36 -8.91
N SER A 457 10.14 -30.59 -9.00
CA SER A 457 10.72 -31.30 -7.84
C SER A 457 12.00 -30.64 -7.31
N SER A 458 12.61 -29.80 -8.13
CA SER A 458 13.81 -29.07 -7.74
C SER A 458 13.53 -27.71 -7.08
N LEU A 459 12.27 -27.32 -6.97
CA LEU A 459 11.93 -26.08 -6.29
C LEU A 459 12.40 -26.10 -4.83
N PRO A 460 13.08 -25.04 -4.38
CA PRO A 460 13.54 -24.98 -2.99
C PRO A 460 12.44 -24.61 -2.01
N VAL A 461 11.79 -25.62 -1.42
CA VAL A 461 10.71 -25.38 -0.46
C VAL A 461 11.22 -25.36 1.00
N PRO A 462 11.24 -24.17 1.63
CA PRO A 462 11.78 -24.05 2.98
C PRO A 462 10.73 -24.25 4.09
N PHE A 463 9.86 -25.25 3.93
CA PHE A 463 8.84 -25.61 4.93
C PHE A 463 8.33 -27.03 4.70
C5 R1P B . 3.87 -2.71 -3.33
O5 R1P B . 2.88 -1.76 -3.71
O5 R1P B . 5.17 -2.87 -2.76
C4 R1P B . 3.20 -4.07 -3.30
O4 R1P B . 4.12 -5.09 -3.68
C1 R1P B . 4.22 -6.11 -2.71
C2 R1P B . 3.39 -5.70 -1.51
O2 R1P B . 2.48 -6.70 -1.07
C3 R1P B . 2.69 -4.41 -1.92
O3 R1P B . 1.31 -4.68 -2.07
O1 R1P B . 3.46 -7.14 -3.33
P R1P B . 4.07 -8.30 -4.26
O1P R1P B . 3.12 -8.48 -5.52
O2P R1P B . 5.55 -7.98 -4.72
O3P R1P B . 4.11 -9.64 -3.41
ZN ZN C . 4.70 3.10 0.13
#